data_6UEQ
#
_entry.id   6UEQ
#
_cell.length_a   45.403
_cell.length_b   45.583
_cell.length_c   155.231
_cell.angle_alpha   90.000
_cell.angle_beta   90.000
_cell.angle_gamma   90.000
#
_symmetry.space_group_name_H-M   'P 2 2 21'
#
loop_
_entity.id
_entity.type
_entity.pdbx_description
1 polymer 'TATA-box-binding protein 1'
2 polymer "DNA (5'-D(*GP*CP*TP*AP*TP*AP*AP*AP*AP*CP*GP*GP*CP*A)-3')"
3 polymer "DNA (5'-D(*TP*GP*CP*CP*CP*TP*TP*TP*TP*AP*TP*AP*GP*C)-3')"
4 non-polymer 'SULFATE ION'
5 water water
#
loop_
_entity_poly.entity_id
_entity_poly.type
_entity_poly.pdbx_seq_one_letter_code
_entity_poly.pdbx_strand_id
1 'polypeptide(L)'
;MSSHHHHHHSSGLVPRGSHMTDQGLEGSNPVDLSKHPSGIVPTLQNIVSTVNLDCKLDLKAIALQARNAEYNPKRFAAVI
MRIREPKTTALIFASGKMVCTGAKSEDFSKMAARKYARIVQKLGFPAKFKDFKIQNIVGSCDVKFPIRLEGLAYSHAAFS
SYEPELFPGLIYRMKVPKIVLLIFVSGKIVITGAKMRDETYKAFENIYPVLSEFRKIQQ
;
B
2 'polydeoxyribonucleotide' (DG)(DC)(DT)(DA)(DT)(DA)(DA)(DA)(DA)(DC)(DG)(DG)(DC)(DA) C
3 'polydeoxyribonucleotide' (DT)(DG)(DC)(DC)(DC)(DT)(DT)(DT)(DT)(DA)(DT)(DA)(DG)(DC) D
#
loop_
_chem_comp.id
_chem_comp.type
_chem_comp.name
_chem_comp.formula
DA DNA linking 2'-DEOXYADENOSINE-5'-MONOPHOSPHATE 'C10 H14 N5 O6 P'
DC DNA linking 2'-DEOXYCYTIDINE-5'-MONOPHOSPHATE 'C9 H14 N3 O7 P'
DG DNA linking 2'-DEOXYGUANOSINE-5'-MONOPHOSPHATE 'C10 H14 N5 O7 P'
DT DNA linking THYMIDINE-5'-MONOPHOSPHATE 'C10 H15 N2 O8 P'
SO4 non-polymer 'SULFATE ION' 'O4 S -2'
#
# COMPACT_ATOMS: atom_id res chain seq x y z
N VAL A 31 -17.68 -0.25 16.13
CA VAL A 31 -16.30 0.17 16.23
C VAL A 31 -15.78 -0.04 17.65
N ASP A 32 -14.61 -0.65 17.77
CA ASP A 32 -13.94 -0.78 19.07
C ASP A 32 -13.35 0.58 19.40
N LEU A 33 -14.00 1.30 20.30
CA LEU A 33 -13.55 2.65 20.68
C LEU A 33 -12.26 2.63 21.48
N SER A 34 -11.78 1.45 21.87
CA SER A 34 -10.51 1.36 22.58
C SER A 34 -9.32 1.46 21.63
N LYS A 35 -9.46 0.92 20.42
CA LYS A 35 -8.41 1.00 19.41
C LYS A 35 -8.66 2.08 18.37
N HIS A 36 -9.83 2.72 18.38
CA HIS A 36 -10.17 3.80 17.46
C HIS A 36 -10.94 4.86 18.22
N PRO A 37 -10.25 5.63 19.08
CA PRO A 37 -10.96 6.66 19.87
C PRO A 37 -11.71 7.66 19.03
N SER A 38 -11.31 7.86 17.77
CA SER A 38 -12.01 8.78 16.89
C SER A 38 -13.38 8.24 16.48
N GLY A 39 -13.54 6.93 16.48
CA GLY A 39 -14.74 6.31 15.96
C GLY A 39 -14.68 5.99 14.47
N ILE A 40 -13.57 6.27 13.81
CA ILE A 40 -13.41 6.02 12.38
C ILE A 40 -12.25 5.06 12.18
N VAL A 41 -12.48 4.03 11.39
CA VAL A 41 -11.45 3.05 11.05
C VAL A 41 -11.02 3.29 9.62
N PRO A 42 -9.74 3.55 9.37
CA PRO A 42 -9.27 3.65 7.98
C PRO A 42 -9.41 2.32 7.26
N THR A 43 -9.82 2.39 5.99
CA THR A 43 -9.97 1.22 5.16
C THR A 43 -8.72 1.04 4.31
N LEU A 44 -8.13 -0.15 4.37
CA LEU A 44 -6.93 -0.43 3.60
C LEU A 44 -7.25 -0.51 2.11
N GLN A 45 -6.44 0.17 1.30
CA GLN A 45 -6.72 0.28 -0.13
C GLN A 45 -5.71 -0.42 -1.02
N ASN A 46 -4.52 -0.74 -0.50
CA ASN A 46 -3.46 -1.31 -1.32
C ASN A 46 -2.39 -1.86 -0.38
N ILE A 47 -1.82 -3.00 -0.77
CA ILE A 47 -0.75 -3.63 -0.01
C ILE A 47 0.31 -4.15 -0.97
N VAL A 48 1.56 -3.89 -0.67
CA VAL A 48 2.70 -4.41 -1.41
C VAL A 48 3.37 -5.46 -0.55
N SER A 49 3.69 -6.61 -1.14
CA SER A 49 4.33 -7.70 -0.42
C SER A 49 5.36 -8.35 -1.32
N THR A 50 6.38 -8.91 -0.70
CA THR A 50 7.45 -9.61 -1.41
C THR A 50 7.54 -11.05 -0.94
N VAL A 51 8.02 -11.91 -1.83
CA VAL A 51 8.26 -13.31 -1.51
C VAL A 51 9.29 -13.84 -2.50
N ASN A 52 10.06 -14.83 -2.06
CA ASN A 52 11.08 -15.45 -2.90
C ASN A 52 10.62 -16.87 -3.20
N LEU A 53 10.35 -17.15 -4.48
CA LEU A 53 10.05 -18.50 -4.91
C LEU A 53 11.28 -19.41 -4.86
N ASP A 54 12.47 -18.82 -4.70
CA ASP A 54 13.72 -19.54 -4.47
C ASP A 54 14.00 -20.56 -5.58
N CYS A 55 13.96 -20.08 -6.82
CA CYS A 55 14.42 -20.81 -7.99
C CYS A 55 14.41 -19.86 -9.18
N LYS A 56 15.45 -19.96 -10.01
CA LYS A 56 15.57 -19.06 -11.15
C LYS A 56 14.53 -19.44 -12.20
N LEU A 57 13.91 -18.42 -12.80
CA LEU A 57 12.80 -18.61 -13.72
C LEU A 57 13.14 -18.07 -15.10
N ASP A 58 12.63 -18.75 -16.13
CA ASP A 58 12.76 -18.32 -17.52
C ASP A 58 11.60 -17.36 -17.80
N LEU A 59 11.88 -16.06 -17.66
CA LEU A 59 10.84 -15.06 -17.85
C LEU A 59 10.28 -15.10 -19.26
N LYS A 60 11.16 -15.28 -20.25
CA LYS A 60 10.73 -15.32 -21.64
C LYS A 60 9.72 -16.44 -21.87
N ALA A 61 9.92 -17.59 -21.22
CA ALA A 61 9.01 -18.71 -21.40
C ALA A 61 7.74 -18.55 -20.57
N ILE A 62 7.82 -17.91 -19.41
CA ILE A 62 6.64 -17.74 -18.57
C ILE A 62 5.62 -16.85 -19.26
N ALA A 63 6.07 -15.81 -19.95
CA ALA A 63 5.16 -14.92 -20.66
C ALA A 63 4.55 -15.60 -21.88
N LEU A 64 5.24 -16.57 -22.47
CA LEU A 64 4.71 -17.26 -23.64
C LEU A 64 3.59 -18.22 -23.25
N GLN A 65 3.78 -18.97 -22.16
CA GLN A 65 2.81 -20.00 -21.78
C GLN A 65 1.60 -19.43 -21.04
N ALA A 66 1.83 -18.55 -20.08
CA ALA A 66 0.75 -18.01 -19.26
C ALA A 66 -0.16 -17.09 -20.08
N ARG A 67 -1.46 -17.13 -19.78
CA ARG A 67 -2.45 -16.44 -20.60
C ARG A 67 -2.59 -14.96 -20.25
N ASN A 68 -2.34 -14.58 -19.00
CA ASN A 68 -2.36 -13.17 -18.64
C ASN A 68 -1.00 -12.76 -18.09
N ALA A 69 -0.02 -12.67 -18.99
CA ALA A 69 1.30 -12.19 -18.62
C ALA A 69 1.90 -11.40 -19.79
N GLU A 70 2.51 -10.27 -19.46
CA GLU A 70 3.24 -9.46 -20.42
C GLU A 70 4.69 -9.37 -19.97
N TYR A 71 5.59 -9.17 -20.92
CA TYR A 71 7.02 -9.15 -20.60
C TYR A 71 7.74 -8.35 -21.69
N ASN A 72 8.12 -7.12 -21.36
CA ASN A 72 8.95 -6.27 -22.21
C ASN A 72 10.23 -6.00 -21.44
N PRO A 73 11.29 -6.78 -21.66
CA PRO A 73 12.53 -6.59 -20.89
C PRO A 73 13.17 -5.24 -21.14
N LYS A 74 12.95 -4.62 -22.30
CA LYS A 74 13.49 -3.29 -22.54
C LYS A 74 12.82 -2.24 -21.68
N ARG A 75 11.57 -2.48 -21.28
CA ARG A 75 10.82 -1.57 -20.43
C ARG A 75 11.04 -1.87 -18.94
N PHE A 76 10.86 -3.14 -18.55
CA PHE A 76 11.10 -3.54 -17.16
C PHE A 76 11.50 -5.01 -17.14
N ALA A 77 12.46 -5.35 -16.27
CA ALA A 77 13.01 -6.68 -16.22
C ALA A 77 12.14 -7.63 -15.41
N ALA A 78 10.84 -7.69 -15.74
CA ALA A 78 9.92 -8.52 -14.98
C ALA A 78 8.73 -8.88 -15.85
N VAL A 79 8.16 -10.05 -15.59
CA VAL A 79 6.87 -10.42 -16.16
C VAL A 79 5.77 -9.80 -15.31
N ILE A 80 4.83 -9.11 -15.95
CA ILE A 80 3.68 -8.50 -15.29
C ILE A 80 2.49 -9.42 -15.50
N MET A 81 2.01 -10.02 -14.41
CA MET A 81 0.92 -10.97 -14.46
C MET A 81 -0.16 -10.55 -13.46
N ARG A 82 -1.42 -10.78 -13.83
CA ARG A 82 -2.56 -10.37 -13.02
C ARG A 82 -3.51 -11.55 -12.85
N ILE A 83 -4.19 -11.57 -11.70
CA ILE A 83 -5.24 -12.54 -11.43
C ILE A 83 -6.51 -11.78 -11.09
N ARG A 84 -7.64 -12.48 -11.19
CA ARG A 84 -8.93 -11.86 -10.95
C ARG A 84 -9.31 -11.82 -9.47
N GLU A 85 -9.11 -12.91 -8.75
CA GLU A 85 -9.46 -12.97 -7.33
C GLU A 85 -8.29 -13.54 -6.55
N PRO A 86 -7.69 -12.75 -5.63
CA PRO A 86 -8.05 -11.35 -5.45
C PRO A 86 -7.45 -10.48 -6.55
N LYS A 87 -8.11 -9.39 -6.91
CA LYS A 87 -7.63 -8.49 -7.95
C LYS A 87 -6.27 -7.91 -7.57
N THR A 88 -5.20 -8.44 -8.16
CA THR A 88 -3.84 -8.03 -7.84
C THR A 88 -3.00 -8.03 -9.11
N THR A 89 -1.80 -7.47 -9.00
CA THR A 89 -0.81 -7.51 -10.05
C THR A 89 0.51 -7.99 -9.46
N ALA A 90 1.16 -8.94 -10.11
CA ALA A 90 2.42 -9.49 -9.65
C ALA A 90 3.55 -9.11 -10.60
N LEU A 91 4.70 -8.81 -10.03
CA LEU A 91 5.95 -8.60 -10.76
C LEU A 91 6.86 -9.77 -10.47
N ILE A 92 7.11 -10.60 -11.48
CA ILE A 92 7.88 -11.82 -11.35
C ILE A 92 9.21 -11.63 -12.07
N PHE A 93 10.30 -11.88 -11.35
CA PHE A 93 11.65 -11.64 -11.84
C PHE A 93 12.39 -12.95 -12.06
N ALA A 94 13.41 -12.89 -12.92
CA ALA A 94 14.17 -14.09 -13.27
C ALA A 94 14.93 -14.64 -12.08
N SER A 95 15.25 -13.79 -11.10
CA SER A 95 15.96 -14.23 -9.90
C SER A 95 15.10 -15.13 -9.02
N GLY A 96 13.79 -15.17 -9.25
CA GLY A 96 12.88 -15.92 -8.40
C GLY A 96 12.10 -15.08 -7.42
N LYS A 97 12.46 -13.80 -7.26
CA LYS A 97 11.73 -12.92 -6.37
C LYS A 97 10.42 -12.48 -7.02
N MET A 98 9.46 -12.07 -6.17
CA MET A 98 8.15 -11.68 -6.63
C MET A 98 7.62 -10.53 -5.80
N VAL A 99 6.96 -9.58 -6.46
CA VAL A 99 6.27 -8.47 -5.81
C VAL A 99 4.79 -8.60 -6.11
N CYS A 100 3.95 -8.41 -5.09
CA CYS A 100 2.50 -8.51 -5.22
C CYS A 100 1.89 -7.19 -4.78
N THR A 101 1.11 -6.57 -5.66
CA THR A 101 0.51 -5.27 -5.41
C THR A 101 -1.00 -5.32 -5.64
N GLY A 102 -1.71 -4.39 -5.01
CA GLY A 102 -3.11 -4.15 -5.29
C GLY A 102 -4.09 -4.73 -4.28
N ALA A 103 -3.66 -5.67 -3.45
CA ALA A 103 -4.58 -6.35 -2.55
C ALA A 103 -5.12 -5.39 -1.49
N LYS A 104 -6.25 -5.79 -0.89
CA LYS A 104 -6.94 -4.97 0.09
C LYS A 104 -6.70 -5.40 1.53
N SER A 105 -6.09 -6.57 1.75
CA SER A 105 -5.78 -7.03 3.10
C SER A 105 -4.49 -7.82 3.04
N GLU A 106 -3.83 -7.93 4.19
CA GLU A 106 -2.59 -8.70 4.28
C GLU A 106 -2.84 -10.17 3.92
N ASP A 107 -4.00 -10.69 4.31
CA ASP A 107 -4.34 -12.08 3.97
C ASP A 107 -4.66 -12.22 2.49
N PHE A 108 -5.31 -11.22 1.90
CA PHE A 108 -5.53 -11.22 0.46
C PHE A 108 -4.21 -11.15 -0.30
N SER A 109 -3.26 -10.36 0.19
CA SER A 109 -1.97 -10.25 -0.47
C SER A 109 -1.20 -11.55 -0.42
N LYS A 110 -1.23 -12.22 0.74
CA LYS A 110 -0.60 -13.54 0.84
C LYS A 110 -1.33 -14.57 -0.01
N MET A 111 -2.66 -14.49 -0.04
CA MET A 111 -3.46 -15.42 -0.84
C MET A 111 -3.14 -15.27 -2.32
N ALA A 112 -3.14 -14.02 -2.81
CA ALA A 112 -2.83 -13.79 -4.22
C ALA A 112 -1.41 -14.26 -4.56
N ALA A 113 -0.46 -14.04 -3.64
CA ALA A 113 0.92 -14.41 -3.90
C ALA A 113 1.08 -15.92 -4.04
N ARG A 114 0.34 -16.70 -3.25
CA ARG A 114 0.38 -18.14 -3.40
C ARG A 114 -0.33 -18.60 -4.66
N LYS A 115 -1.29 -17.82 -5.16
CA LYS A 115 -1.90 -18.16 -6.43
C LYS A 115 -0.91 -17.99 -7.58
N TYR A 116 -0.15 -16.89 -7.57
CA TYR A 116 0.88 -16.69 -8.60
C TYR A 116 1.95 -17.77 -8.52
N ALA A 117 2.36 -18.14 -7.31
CA ALA A 117 3.40 -19.15 -7.15
C ALA A 117 2.97 -20.49 -7.73
N ARG A 118 1.72 -20.89 -7.49
CA ARG A 118 1.23 -22.14 -8.05
C ARG A 118 1.12 -22.07 -9.57
N ILE A 119 0.76 -20.90 -10.10
CA ILE A 119 0.75 -20.71 -11.55
C ILE A 119 2.14 -21.01 -12.13
N VAL A 120 3.19 -20.53 -11.44
CA VAL A 120 4.55 -20.80 -11.90
C VAL A 120 4.89 -22.29 -11.77
N GLN A 121 4.35 -22.96 -10.75
CA GLN A 121 4.64 -24.38 -10.57
C GLN A 121 4.00 -25.22 -11.66
N LYS A 122 2.76 -24.90 -12.06
CA LYS A 122 2.08 -25.64 -13.10
C LYS A 122 2.74 -25.46 -14.47
N LEU A 123 3.64 -24.49 -14.61
CA LEU A 123 4.42 -24.33 -15.83
C LEU A 123 5.76 -25.05 -15.76
N GLY A 124 6.03 -25.78 -14.67
CA GLY A 124 7.21 -26.60 -14.56
C GLY A 124 8.31 -26.09 -13.65
N PHE A 125 8.08 -24.99 -12.92
CA PHE A 125 9.22 -24.52 -12.14
C PHE A 125 9.10 -24.92 -10.69
N PRO A 126 10.19 -25.37 -10.08
CA PRO A 126 10.17 -25.81 -8.66
C PRO A 126 10.16 -24.63 -7.69
N ALA A 127 9.03 -23.92 -7.65
CA ALA A 127 8.90 -22.73 -6.85
C ALA A 127 8.50 -23.06 -5.43
N LYS A 128 8.93 -22.21 -4.49
CA LYS A 128 8.53 -22.33 -3.09
C LYS A 128 7.93 -21.01 -2.62
N PHE A 129 7.77 -20.85 -1.30
CA PHE A 129 7.17 -19.65 -0.72
C PHE A 129 8.01 -19.22 0.47
N LYS A 130 9.18 -18.64 0.19
CA LYS A 130 10.18 -18.36 1.21
C LYS A 130 10.15 -16.88 1.59
N ASP A 131 10.03 -16.62 2.89
CA ASP A 131 10.22 -15.27 3.46
C ASP A 131 9.20 -14.27 2.90
N PHE A 132 7.93 -14.66 2.94
CA PHE A 132 6.86 -13.71 2.63
C PHE A 132 6.91 -12.56 3.62
N LYS A 133 6.69 -11.34 3.11
CA LYS A 133 6.78 -10.16 3.96
C LYS A 133 5.94 -9.03 3.38
N ILE A 134 5.08 -8.45 4.23
CA ILE A 134 4.38 -7.23 3.87
C ILE A 134 5.35 -6.06 3.90
N GLN A 135 5.40 -5.29 2.82
CA GLN A 135 6.34 -4.20 2.70
C GLN A 135 5.71 -2.82 2.82
N ASN A 136 4.47 -2.65 2.38
CA ASN A 136 3.82 -1.35 2.46
C ASN A 136 2.31 -1.54 2.50
N ILE A 137 1.65 -0.69 3.27
CA ILE A 137 0.20 -0.71 3.43
C ILE A 137 -0.32 0.69 3.17
N VAL A 138 -1.36 0.79 2.35
CA VAL A 138 -2.00 2.07 2.03
C VAL A 138 -3.41 2.06 2.56
N GLY A 139 -3.74 3.08 3.36
CA GLY A 139 -5.09 3.24 3.88
C GLY A 139 -5.61 4.63 3.61
N SER A 140 -6.93 4.75 3.66
CA SER A 140 -7.59 6.04 3.49
C SER A 140 -8.82 6.09 4.36
N CYS A 141 -9.24 7.30 4.70
CA CYS A 141 -10.47 7.49 5.48
C CYS A 141 -10.98 8.91 5.23
N ASP A 142 -12.07 9.24 5.93
CA ASP A 142 -12.81 10.47 5.71
C ASP A 142 -13.26 10.99 7.07
N VAL A 143 -12.76 12.18 7.45
CA VAL A 143 -13.19 12.80 8.70
C VAL A 143 -14.50 13.57 8.55
N LYS A 144 -14.98 13.75 7.32
CA LYS A 144 -16.31 14.28 7.04
C LYS A 144 -16.48 15.74 7.48
N PHE A 145 -15.40 16.51 7.46
CA PHE A 145 -15.50 17.95 7.63
C PHE A 145 -14.33 18.61 6.92
N PRO A 146 -14.49 19.85 6.44
CA PRO A 146 -13.38 20.54 5.79
C PRO A 146 -12.28 20.90 6.78
N ILE A 147 -11.06 21.03 6.25
CA ILE A 147 -9.86 21.28 7.06
C ILE A 147 -9.14 22.51 6.52
N ARG A 148 -8.67 23.35 7.44
CA ARG A 148 -7.82 24.50 7.08
C ARG A 148 -6.37 24.02 7.01
N LEU A 149 -5.88 23.80 5.79
CA LEU A 149 -4.56 23.21 5.59
C LEU A 149 -3.44 24.18 5.92
N GLU A 150 -3.59 25.46 5.57
CA GLU A 150 -2.52 26.42 5.81
C GLU A 150 -2.40 26.75 7.30
N GLY A 151 -3.51 26.75 8.03
CA GLY A 151 -3.42 26.85 9.47
C GLY A 151 -2.72 25.65 10.08
N LEU A 152 -3.02 24.46 9.57
CA LEU A 152 -2.33 23.25 10.01
C LEU A 152 -0.84 23.35 9.73
N ALA A 153 -0.47 23.76 8.51
CA ALA A 153 0.94 23.85 8.15
C ALA A 153 1.70 24.85 9.02
N TYR A 154 1.02 25.89 9.50
CA TYR A 154 1.70 26.94 10.25
C TYR A 154 2.12 26.46 11.63
N SER A 155 1.27 25.72 12.32
CA SER A 155 1.54 25.31 13.69
C SER A 155 2.13 23.90 13.77
N HIS A 156 2.34 23.24 12.64
CA HIS A 156 2.99 21.93 12.60
C HIS A 156 4.03 21.91 11.49
N ALA A 157 4.73 23.03 11.31
CA ALA A 157 5.64 23.17 10.18
C ALA A 157 6.79 22.18 10.25
N ALA A 158 7.20 21.78 11.45
CA ALA A 158 8.29 20.81 11.59
C ALA A 158 7.97 19.49 10.91
N PHE A 159 6.69 19.14 10.75
CA PHE A 159 6.28 17.88 10.15
C PHE A 159 5.66 18.01 8.77
N SER A 160 5.08 19.17 8.45
CA SER A 160 4.20 19.29 7.30
C SER A 160 4.86 20.02 6.15
N SER A 161 4.32 19.78 4.96
CA SER A 161 4.71 20.50 3.74
C SER A 161 3.46 20.76 2.94
N TYR A 162 3.12 22.04 2.76
CA TYR A 162 1.95 22.46 1.99
C TYR A 162 2.39 23.33 0.84
N GLU A 163 2.17 22.86 -0.38
CA GLU A 163 2.52 23.59 -1.60
C GLU A 163 1.39 23.42 -2.60
N PRO A 164 0.32 24.20 -2.45
CA PRO A 164 -0.91 23.92 -3.20
C PRO A 164 -0.77 23.99 -4.73
N GLU A 165 0.24 24.69 -5.25
CA GLU A 165 0.43 24.72 -6.71
C GLU A 165 1.25 23.53 -7.21
N LEU A 166 2.01 22.87 -6.33
CA LEU A 166 2.65 21.62 -6.72
C LEU A 166 1.77 20.40 -6.42
N PHE A 167 1.16 20.35 -5.23
CA PHE A 167 0.23 19.27 -4.87
C PHE A 167 -0.82 19.85 -3.94
N PRO A 168 -2.11 19.62 -4.21
CA PRO A 168 -3.18 20.27 -3.41
C PRO A 168 -3.33 19.73 -2.00
N GLY A 169 -2.56 18.73 -1.58
CA GLY A 169 -2.69 18.16 -0.26
C GLY A 169 -1.47 18.46 0.59
N LEU A 170 -1.68 18.54 1.90
CA LEU A 170 -0.58 18.74 2.83
C LEU A 170 0.10 17.41 3.13
N ILE A 171 1.43 17.41 3.08
CA ILE A 171 2.22 16.22 3.37
C ILE A 171 2.59 16.26 4.85
N TYR A 172 2.09 15.31 5.63
CA TYR A 172 2.43 15.21 7.05
C TYR A 172 3.31 13.98 7.26
N ARG A 173 4.56 14.21 7.65
CA ARG A 173 5.52 13.13 7.90
C ARG A 173 5.57 12.87 9.41
N MET A 174 4.80 11.90 9.85
CA MET A 174 4.75 11.54 11.26
C MET A 174 5.99 10.75 11.63
N LYS A 175 6.59 11.08 12.79
CA LYS A 175 7.77 10.37 13.24
C LYS A 175 7.45 9.13 14.06
N VAL A 176 6.44 9.19 14.92
CA VAL A 176 6.07 8.06 15.77
C VAL A 176 4.59 7.75 15.58
N PRO A 177 4.24 6.69 14.83
CA PRO A 177 5.16 5.86 14.06
C PRO A 177 5.55 6.53 12.75
N LYS A 178 6.63 6.10 12.11
CA LYS A 178 7.09 6.77 10.90
C LYS A 178 6.11 6.48 9.77
N ILE A 179 5.20 7.41 9.53
CA ILE A 179 4.13 7.27 8.57
C ILE A 179 3.93 8.61 7.88
N VAL A 180 3.61 8.58 6.60
CA VAL A 180 3.33 9.79 5.83
C VAL A 180 1.83 9.86 5.57
N LEU A 181 1.24 11.02 5.83
CA LEU A 181 -0.18 11.26 5.63
C LEU A 181 -0.35 12.38 4.62
N LEU A 182 -1.32 12.21 3.72
CA LEU A 182 -1.73 13.26 2.79
C LEU A 182 -3.09 13.74 3.24
N ILE A 183 -3.19 15.02 3.57
CA ILE A 183 -4.40 15.60 4.12
C ILE A 183 -4.95 16.61 3.12
N PHE A 184 -6.25 16.52 2.84
CA PHE A 184 -6.88 17.34 1.83
C PHE A 184 -7.98 18.21 2.44
N VAL A 185 -8.33 19.28 1.71
CA VAL A 185 -9.29 20.26 2.21
C VAL A 185 -10.63 19.59 2.53
N SER A 186 -11.01 18.60 1.74
CA SER A 186 -12.30 17.94 1.88
C SER A 186 -12.39 17.08 3.14
N GLY A 187 -11.28 16.78 3.80
CA GLY A 187 -11.27 15.89 4.94
C GLY A 187 -10.86 14.47 4.64
N LYS A 188 -10.64 14.13 3.37
CA LYS A 188 -10.15 12.80 3.03
C LYS A 188 -8.67 12.69 3.33
N ILE A 189 -8.25 11.52 3.79
CA ILE A 189 -6.90 11.29 4.28
C ILE A 189 -6.32 10.08 3.55
N VAL A 190 -5.04 10.15 3.22
CA VAL A 190 -4.30 9.01 2.69
C VAL A 190 -3.17 8.70 3.66
N ILE A 191 -3.02 7.42 4.01
CA ILE A 191 -2.05 6.97 4.99
C ILE A 191 -1.23 5.86 4.36
N THR A 192 0.08 6.08 4.20
CA THR A 192 0.95 5.13 3.54
C THR A 192 2.28 5.05 4.29
N GLY A 193 3.01 3.96 4.04
CA GLY A 193 4.30 3.73 4.65
C GLY A 193 4.33 2.67 5.72
N ALA A 194 3.19 2.06 6.05
CA ALA A 194 3.11 1.11 7.14
C ALA A 194 3.47 -0.30 6.69
N LYS A 195 4.18 -1.03 7.55
CA LYS A 195 4.38 -2.47 7.37
C LYS A 195 3.42 -3.29 8.22
N MET A 196 2.76 -2.67 9.19
CA MET A 196 1.72 -3.31 10.00
C MET A 196 0.51 -2.40 10.06
N ARG A 197 -0.68 -2.99 9.97
CA ARG A 197 -1.92 -2.22 9.92
C ARG A 197 -2.18 -1.43 11.20
N ASP A 198 -1.47 -1.70 12.29
CA ASP A 198 -1.66 -0.94 13.51
C ASP A 198 -0.97 0.41 13.46
N GLU A 199 0.17 0.50 12.76
CA GLU A 199 0.79 1.80 12.54
C GLU A 199 -0.13 2.71 11.74
N THR A 200 -0.83 2.15 10.76
CA THR A 200 -1.86 2.90 10.04
C THR A 200 -2.90 3.47 11.00
N TYR A 201 -3.38 2.63 11.92
CA TYR A 201 -4.41 3.07 12.85
C TYR A 201 -3.88 4.08 13.86
N LYS A 202 -2.70 3.83 14.40
CA LYS A 202 -2.13 4.75 15.39
C LYS A 202 -1.83 6.11 14.76
N ALA A 203 -1.34 6.11 13.51
CA ALA A 203 -1.07 7.38 12.82
C ALA A 203 -2.34 8.19 12.65
N PHE A 204 -3.45 7.55 12.28
CA PHE A 204 -4.68 8.29 12.11
C PHE A 204 -5.22 8.80 13.44
N GLU A 205 -5.05 8.03 14.51
CA GLU A 205 -5.54 8.48 15.82
C GLU A 205 -4.70 9.62 16.37
N ASN A 206 -3.41 9.68 16.02
CA ASN A 206 -2.58 10.80 16.42
C ASN A 206 -2.97 12.08 15.68
N ILE A 207 -3.39 11.97 14.42
CA ILE A 207 -3.72 13.15 13.64
C ILE A 207 -5.15 13.62 13.84
N TYR A 208 -6.06 12.74 14.27
CA TYR A 208 -7.47 13.12 14.35
C TYR A 208 -7.73 14.32 15.24
N PRO A 209 -7.21 14.42 16.47
CA PRO A 209 -7.49 15.62 17.27
C PRO A 209 -6.86 16.88 16.69
N VAL A 210 -5.78 16.74 15.92
CA VAL A 210 -5.20 17.90 15.24
C VAL A 210 -6.13 18.37 14.11
N LEU A 211 -6.70 17.42 13.36
CA LEU A 211 -7.58 17.78 12.26
C LEU A 211 -8.82 18.52 12.76
N SER A 212 -9.50 17.95 13.75
CA SER A 212 -10.68 18.61 14.29
C SER A 212 -10.34 19.98 14.86
N GLU A 213 -9.12 20.14 15.38
CA GLU A 213 -8.68 21.44 15.86
C GLU A 213 -8.64 22.47 14.74
N PHE A 214 -8.41 22.03 13.50
CA PHE A 214 -8.39 22.92 12.33
C PHE A 214 -9.59 22.67 11.43
N ARG A 215 -10.73 22.34 12.02
CA ARG A 215 -11.95 22.15 11.27
C ARG A 215 -12.43 23.49 10.70
N LYS A 216 -12.70 23.52 9.40
CA LYS A 216 -13.24 24.73 8.78
C LYS A 216 -14.70 24.89 9.19
N ILE A 217 -15.00 25.95 9.93
CA ILE A 217 -16.35 26.19 10.42
C ILE A 217 -17.17 26.97 9.40
S SO4 D . -8.78 -16.42 -11.06
O1 SO4 D . -8.61 -17.67 -10.32
O2 SO4 D . -9.14 -15.36 -10.12
O3 SO4 D . -7.54 -16.06 -11.72
O4 SO4 D . -9.85 -16.57 -12.03
S SO4 E . 15.50 1.43 -5.96
O1 SO4 E . 15.18 1.97 -4.64
O2 SO4 E . 14.30 1.37 -6.77
O3 SO4 E . 16.49 2.31 -6.60
O4 SO4 E . 16.06 0.09 -5.82
#